data_7OC2
#
_entry.id   7OC2
#
_cell.length_a   49.081
_cell.length_b   60.394
_cell.length_c   82.265
_cell.angle_alpha   90.000
_cell.angle_beta   90.000
_cell.angle_gamma   90.000
#
_symmetry.space_group_name_H-M   'P 21 21 21'
#
loop_
_entity.id
_entity.type
_entity.pdbx_description
1 polymer 'Serine protease subunit NS2B'
2 polymer 'Serine protease NS3'
3 polymer 'Cyclic 1[2-CHLORO-4-METHOXY-PHENYL-OXYMETHYL]-4-[2,6-DICHLORO-PHENYL-OXYMETHYL]-BENZENE-(7-3)-7-BENZYL-1,3-DIMETHYL-8-PIPERAZIN-1-YL-3,7-DIHYDRO-PURINE-2,6-DIONE-(7-19)-N-ACETYL-L-CYSTEINE-(8-25)-[3R-[3A,4A,5B(S*)]]-5-(1-CARBOXY-1-PHOSPHONOETHOXY)-4-HYDROXY-3-(PHOSPHONOOXY)-1-CYCLOHEXENE-1-CARBOXYLIC ACID-()-(6E,11E)-HEPTADECA-6,11-DIENE-9,9-DIYLBIS(PHOSPHONIC ACID)'
4 water water
#
loop_
_entity_poly.entity_id
_entity_poly.type
_entity_poly.pdbx_seq_one_letter_code
_entity_poly.pdbx_strand_id
1 'polypeptide(L)' MTGKSVDMYIERAGDITWEKDAEVTGNSPRLDVALDESGDFSLVEEDGPPMRE A
2 'polypeptide(L)'
;GSGALWDVPAPKEVKKGETTDGVYRVMTRRLLGSTQVGVGVMQEGVFHTMWHVTKGAALRSGEGRLDPYWGDVKQDLVSY
CGPWKLDAAWDGLSEVQLLAVPPGERAKNIQTLPGIFKTKDGDIGAVALDYPAGTSGSPILDKCGRVIGLYGNGVVIKNG
SYVSAITQGKREEETPVE
;
B
3 'polypeptide(L)' (V7T)(DLE)(V8N)KK D
#
loop_
_chem_comp.id
_chem_comp.type
_chem_comp.name
_chem_comp.formula
V7T peptide-like '(2R)-6-azanyl-2-carbamimidamido-hexanoic acid' 'C7 H16 N4 O2'
V8N peptide-like '2-[3-(aminomethyl)phenyl]ethanoic acid' 'C9 H11 N O2'
#
# COMPACT_ATOMS: atom_id res chain seq x y z
N VAL A 6 -22.09 5.68 -5.56
CA VAL A 6 -21.16 4.58 -5.32
C VAL A 6 -20.72 4.50 -3.86
N ASP A 7 -20.97 3.34 -3.25
CA ASP A 7 -20.65 3.12 -1.84
C ASP A 7 -19.23 2.56 -1.79
N MET A 8 -18.28 3.41 -1.41
CA MET A 8 -16.92 2.97 -1.14
C MET A 8 -16.73 2.93 0.37
N TYR A 9 -16.39 1.76 0.89
CA TYR A 9 -16.41 1.54 2.33
C TYR A 9 -15.25 0.64 2.73
N ILE A 10 -14.97 0.64 4.02
CA ILE A 10 -13.86 -0.16 4.53
C ILE A 10 -14.35 -1.23 5.49
N GLU A 11 -13.59 -2.32 5.55
N GLU A 11 -13.62 -2.35 5.54
CA GLU A 11 -13.89 -3.46 6.42
CA GLU A 11 -13.92 -3.41 6.47
C GLU A 11 -12.59 -3.92 7.06
C GLU A 11 -12.63 -3.96 7.06
N ARG A 12 -12.64 -4.15 8.36
CA ARG A 12 -11.40 -4.54 9.05
C ARG A 12 -10.94 -5.91 8.56
N ALA A 13 -9.63 -6.08 8.40
CA ALA A 13 -9.10 -7.32 7.87
C ALA A 13 -8.00 -7.93 8.73
N GLY A 14 -7.62 -7.29 9.81
CA GLY A 14 -6.72 -7.94 10.74
C GLY A 14 -5.84 -6.95 11.47
N ASP A 15 -5.02 -7.49 12.36
CA ASP A 15 -4.03 -6.73 13.10
C ASP A 15 -2.75 -6.66 12.29
N ILE A 16 -1.96 -5.63 12.53
CA ILE A 16 -0.72 -5.42 11.81
C ILE A 16 0.40 -5.88 12.72
N THR A 17 0.97 -7.04 12.39
CA THR A 17 1.95 -7.73 13.21
C THR A 17 2.98 -8.38 12.31
N TRP A 18 4.26 -8.30 12.70
CA TRP A 18 5.32 -9.04 12.04
C TRP A 18 5.20 -10.51 12.41
N GLU A 19 5.34 -11.40 11.41
CA GLU A 19 5.23 -12.83 11.62
C GLU A 19 6.64 -13.40 11.82
N LYS A 20 6.87 -14.04 12.95
CA LYS A 20 8.15 -14.71 13.16
C LYS A 20 8.21 -15.97 12.29
N ASP A 21 9.43 -16.33 11.89
CA ASP A 21 9.65 -17.49 11.03
C ASP A 21 8.75 -17.44 9.81
N ALA A 22 8.97 -16.42 8.99
CA ALA A 22 8.12 -16.21 7.83
C ALA A 22 8.78 -16.75 6.57
N GLU A 23 7.94 -17.02 5.58
CA GLU A 23 8.42 -17.39 4.25
C GLU A 23 9.13 -16.19 3.63
N VAL A 24 10.39 -16.40 3.23
CA VAL A 24 11.19 -15.40 2.51
C VAL A 24 11.17 -15.74 1.04
N THR A 25 10.88 -14.75 0.21
CA THR A 25 10.73 -15.00 -1.21
C THR A 25 10.96 -13.71 -1.98
N GLY A 26 11.10 -13.85 -3.30
CA GLY A 26 11.34 -12.73 -4.17
C GLY A 26 12.79 -12.34 -4.30
N ASN A 27 13.16 -11.74 -5.40
CA ASN A 27 14.51 -11.24 -5.57
C ASN A 27 14.58 -9.78 -5.12
N SER A 28 15.70 -9.11 -5.43
CA SER A 28 15.99 -7.76 -4.96
C SER A 28 16.50 -6.96 -6.14
N PRO A 29 15.62 -6.62 -7.07
CA PRO A 29 16.06 -6.00 -8.31
C PRO A 29 16.54 -4.59 -8.10
N ARG A 30 17.51 -4.20 -8.91
CA ARG A 30 18.10 -2.87 -8.87
C ARG A 30 17.73 -2.21 -10.19
N LEU A 31 16.74 -1.31 -10.14
CA LEU A 31 16.12 -0.76 -11.33
C LEU A 31 16.28 0.75 -11.39
N ASP A 32 16.52 1.28 -12.59
CA ASP A 32 16.51 2.72 -12.84
C ASP A 32 15.10 3.11 -13.25
N VAL A 33 14.48 4.03 -12.51
CA VAL A 33 13.10 4.42 -12.78
C VAL A 33 12.98 5.93 -12.70
N ALA A 34 11.92 6.43 -13.31
CA ALA A 34 11.50 7.81 -13.23
C ALA A 34 10.07 7.88 -12.71
N LEU A 35 9.75 8.97 -12.02
CA LEU A 35 8.43 9.19 -11.42
C LEU A 35 7.89 10.49 -11.99
N ASP A 36 6.71 10.43 -12.61
CA ASP A 36 6.12 11.63 -13.17
C ASP A 36 5.15 12.30 -12.20
N GLU A 37 4.64 13.47 -12.59
CA GLU A 37 3.87 14.29 -11.66
C GLU A 37 2.51 13.70 -11.33
N SER A 38 2.07 12.69 -12.09
N SER A 38 2.06 12.69 -12.07
CA SER A 38 0.80 12.01 -11.82
CA SER A 38 0.79 12.03 -11.78
C SER A 38 0.96 10.76 -10.97
C SER A 38 0.97 10.70 -11.05
N GLY A 39 2.18 10.43 -10.56
CA GLY A 39 2.39 9.25 -9.74
C GLY A 39 2.73 7.98 -10.49
N ASP A 40 3.10 8.08 -11.77
N ASP A 40 3.15 8.09 -11.75
CA ASP A 40 3.46 6.89 -12.53
CA ASP A 40 3.49 6.94 -12.60
C ASP A 40 4.97 6.68 -12.50
C ASP A 40 4.99 6.69 -12.53
N PHE A 41 5.38 5.49 -12.11
CA PHE A 41 6.76 5.06 -12.22
C PHE A 41 6.94 4.41 -13.58
N SER A 42 8.09 4.67 -14.21
CA SER A 42 8.41 4.01 -15.45
C SER A 42 9.88 3.62 -15.46
N LEU A 43 10.17 2.52 -16.14
CA LEU A 43 11.55 2.11 -16.33
C LEU A 43 12.24 3.05 -17.29
N VAL A 44 13.48 3.42 -16.95
CA VAL A 44 14.33 4.19 -17.85
C VAL A 44 15.08 3.23 -18.75
N GLU B 18 -14.73 2.06 15.04
CA GLU B 18 -15.00 2.61 13.72
C GLU B 18 -13.69 3.04 13.04
N THR B 19 -12.75 3.52 13.85
CA THR B 19 -11.38 3.79 13.41
C THR B 19 -10.39 3.02 14.26
N THR B 20 -10.73 1.79 14.67
CA THR B 20 -9.77 1.03 15.45
C THR B 20 -8.56 0.68 14.60
N ASP B 21 -7.39 0.73 15.22
CA ASP B 21 -6.15 0.40 14.53
C ASP B 21 -6.26 -0.95 13.84
N GLY B 22 -5.64 -1.06 12.68
CA GLY B 22 -5.59 -2.32 11.97
C GLY B 22 -5.45 -2.08 10.47
N VAL B 23 -5.45 -3.19 9.75
CA VAL B 23 -5.45 -3.16 8.28
C VAL B 23 -6.88 -3.44 7.83
N TYR B 24 -7.29 -2.75 6.76
CA TYR B 24 -8.66 -2.78 6.28
C TYR B 24 -8.67 -2.99 4.78
N ARG B 25 -9.72 -3.67 4.31
CA ARG B 25 -10.06 -3.73 2.89
C ARG B 25 -10.87 -2.50 2.52
N VAL B 26 -10.63 -1.99 1.30
CA VAL B 26 -11.40 -0.91 0.70
C VAL B 26 -12.26 -1.53 -0.39
N MET B 27 -13.58 -1.42 -0.22
CA MET B 27 -14.55 -2.08 -1.07
C MET B 27 -15.44 -1.06 -1.77
N THR B 28 -15.95 -1.44 -2.94
CA THR B 28 -16.98 -0.68 -3.61
C THR B 28 -18.18 -1.58 -3.89
N ARG B 29 -19.38 -1.01 -3.78
CA ARG B 29 -20.61 -1.71 -4.12
C ARG B 29 -21.53 -0.72 -4.81
N ARG B 30 -22.32 -1.22 -5.76
CA ARG B 30 -23.41 -0.45 -6.36
C ARG B 30 -24.68 -1.23 -6.12
N LEU B 31 -25.23 -1.89 -7.14
CA LEU B 31 -26.48 -2.64 -7.01
C LEU B 31 -26.26 -4.13 -6.74
N LEU B 32 -25.23 -4.73 -7.34
CA LEU B 32 -24.90 -6.12 -7.09
C LEU B 32 -23.83 -6.23 -6.01
N GLY B 33 -22.91 -7.19 -6.15
CA GLY B 33 -21.95 -7.47 -5.11
C GLY B 33 -20.88 -6.39 -4.94
N SER B 34 -19.94 -6.70 -4.08
N SER B 34 -19.92 -6.67 -4.08
CA SER B 34 -18.82 -5.82 -3.77
CA SER B 34 -18.88 -5.69 -3.81
C SER B 34 -17.61 -6.19 -4.63
C SER B 34 -17.51 -6.19 -4.28
N THR B 35 -16.68 -5.25 -4.70
CA THR B 35 -15.37 -5.50 -5.27
C THR B 35 -14.35 -4.86 -4.34
N GLN B 36 -13.26 -5.57 -4.09
CA GLN B 36 -12.16 -5.00 -3.31
C GLN B 36 -11.26 -4.20 -4.25
N VAL B 37 -11.21 -2.90 -4.05
CA VAL B 37 -10.34 -2.04 -4.86
C VAL B 37 -9.01 -1.75 -4.17
N GLY B 38 -8.89 -2.00 -2.88
CA GLY B 38 -7.61 -1.79 -2.23
C GLY B 38 -7.68 -2.14 -0.77
N VAL B 39 -6.69 -1.59 -0.05
CA VAL B 39 -6.39 -1.90 1.34
C VAL B 39 -5.85 -0.61 1.94
N GLY B 40 -5.94 -0.49 3.26
CA GLY B 40 -5.26 0.61 3.92
C GLY B 40 -5.04 0.34 5.40
N VAL B 41 -4.41 1.30 6.05
CA VAL B 41 -3.96 1.19 7.43
C VAL B 41 -4.64 2.27 8.27
N MET B 42 -5.28 1.85 9.35
CA MET B 42 -5.77 2.76 10.36
C MET B 42 -4.73 2.83 11.47
N GLN B 43 -4.23 4.03 11.73
CA GLN B 43 -3.31 4.25 12.84
C GLN B 43 -3.54 5.64 13.39
N GLU B 44 -3.60 5.75 14.71
CA GLU B 44 -3.75 7.04 15.37
C GLU B 44 -4.95 7.81 14.83
N GLY B 45 -6.03 7.09 14.56
CA GLY B 45 -7.27 7.71 14.12
C GLY B 45 -7.31 8.15 12.68
N VAL B 46 -6.29 7.82 11.89
CA VAL B 46 -6.18 8.26 10.52
C VAL B 46 -6.10 7.04 9.62
N PHE B 47 -6.82 7.09 8.49
CA PHE B 47 -6.78 6.02 7.51
C PHE B 47 -5.82 6.40 6.39
N HIS B 48 -4.94 5.47 6.03
CA HIS B 48 -3.88 5.68 5.07
C HIS B 48 -4.03 4.67 3.93
N THR B 49 -4.09 5.16 2.69
CA THR B 49 -4.17 4.27 1.54
C THR B 49 -3.49 4.93 0.35
N MET B 50 -3.50 4.25 -0.78
CA MET B 50 -2.95 4.81 -2.01
C MET B 50 -4.02 5.58 -2.76
N TRP B 51 -3.61 6.69 -3.39
CA TRP B 51 -4.57 7.55 -4.08
C TRP B 51 -5.34 6.77 -5.15
N HIS B 52 -4.66 5.90 -5.90
CA HIS B 52 -5.34 5.21 -7.00
C HIS B 52 -6.41 4.25 -6.51
N VAL B 53 -6.42 3.89 -5.23
CA VAL B 53 -7.47 3.04 -4.69
C VAL B 53 -8.78 3.79 -4.60
N THR B 54 -8.76 5.01 -4.05
CA THR B 54 -9.99 5.74 -3.73
C THR B 54 -10.22 6.94 -4.64
N LYS B 55 -9.23 7.29 -5.45
CA LYS B 55 -9.21 8.53 -6.23
C LYS B 55 -9.41 9.76 -5.32
N GLY B 56 -9.06 9.62 -4.05
CA GLY B 56 -9.19 10.70 -3.11
C GLY B 56 -10.61 11.02 -2.66
N ALA B 57 -11.54 10.09 -2.85
CA ALA B 57 -12.92 10.27 -2.44
C ALA B 57 -13.15 9.81 -1.01
N ALA B 58 -14.29 10.22 -0.46
CA ALA B 58 -14.63 9.89 0.91
C ALA B 58 -14.91 8.39 1.06
N LEU B 59 -14.72 7.90 2.27
CA LEU B 59 -14.96 6.51 2.62
C LEU B 59 -16.03 6.40 3.69
N ARG B 60 -16.80 5.32 3.63
CA ARG B 60 -17.69 4.94 4.70
C ARG B 60 -17.00 3.91 5.60
N SER B 61 -17.18 4.06 6.91
CA SER B 61 -16.72 3.07 7.86
C SER B 61 -17.90 2.77 8.78
N GLY B 62 -18.55 1.65 8.54
CA GLY B 62 -19.77 1.35 9.28
C GLY B 62 -20.81 2.41 9.00
N GLU B 63 -21.29 3.08 10.06
CA GLU B 63 -22.26 4.14 9.93
C GLU B 63 -21.63 5.51 9.71
N GLY B 64 -20.30 5.61 9.77
CA GLY B 64 -19.61 6.88 9.74
C GLY B 64 -18.93 7.17 8.41
N ARG B 65 -18.49 8.41 8.29
CA ARG B 65 -17.87 8.91 7.07
C ARG B 65 -16.46 9.38 7.40
N LEU B 66 -15.49 8.96 6.58
CA LEU B 66 -14.11 9.42 6.71
C LEU B 66 -13.82 10.37 5.57
N ASP B 67 -13.42 11.58 5.90
CA ASP B 67 -13.18 12.60 4.88
C ASP B 67 -11.70 12.71 4.54
N PRO B 68 -11.38 12.87 3.27
CA PRO B 68 -9.97 13.06 2.88
C PRO B 68 -9.40 14.30 3.55
N TYR B 69 -8.15 14.19 4.00
CA TYR B 69 -7.47 15.26 4.70
C TYR B 69 -6.21 15.73 4.01
N TRP B 70 -5.30 14.80 3.72
CA TRP B 70 -4.07 15.09 3.01
C TRP B 70 -3.93 14.10 1.87
N GLY B 71 -3.25 14.53 0.80
CA GLY B 71 -2.88 13.58 -0.23
C GLY B 71 -1.98 14.21 -1.27
N ASP B 72 -1.50 13.37 -2.17
CA ASP B 72 -0.54 13.82 -3.19
C ASP B 72 -0.57 12.78 -4.30
N VAL B 73 -1.05 13.16 -5.49
CA VAL B 73 -1.11 12.19 -6.59
C VAL B 73 0.27 11.74 -7.02
N LYS B 74 1.30 12.58 -6.87
CA LYS B 74 2.63 12.16 -7.30
C LYS B 74 3.17 11.04 -6.41
N GLN B 75 2.94 11.15 -5.11
CA GLN B 75 3.31 10.06 -4.20
C GLN B 75 2.30 8.92 -4.25
N ASP B 76 1.13 9.16 -4.83
CA ASP B 76 0.06 8.18 -4.89
C ASP B 76 -0.41 7.79 -3.49
N LEU B 77 -0.61 8.80 -2.64
CA LEU B 77 -1.02 8.57 -1.26
C LEU B 77 -2.14 9.52 -0.84
N VAL B 78 -2.93 9.06 0.13
N VAL B 78 -2.95 9.04 0.10
CA VAL B 78 -4.02 9.89 0.69
CA VAL B 78 -4.03 9.82 0.70
C VAL B 78 -4.29 9.44 2.12
C VAL B 78 -4.15 9.44 2.16
N SER B 79 -4.50 10.41 3.00
CA SER B 79 -4.89 10.15 4.37
C SER B 79 -6.28 10.74 4.66
N TYR B 80 -6.98 10.10 5.58
CA TYR B 80 -8.35 10.44 5.97
C TYR B 80 -8.39 10.76 7.45
N CYS B 81 -9.13 11.80 7.81
CA CYS B 81 -9.45 12.22 9.17
C CYS B 81 -8.35 13.04 9.81
N GLY B 82 -7.16 13.10 9.22
CA GLY B 82 -6.05 13.83 9.77
C GLY B 82 -4.82 13.62 8.93
N PRO B 83 -3.70 14.22 9.33
CA PRO B 83 -2.47 14.13 8.53
C PRO B 83 -1.84 12.75 8.59
N TRP B 84 -0.97 12.50 7.62
CA TRP B 84 -0.28 11.22 7.50
C TRP B 84 0.53 10.93 8.76
N LYS B 85 0.30 9.74 9.34
CA LYS B 85 0.89 9.37 10.61
C LYS B 85 2.02 8.35 10.53
N LEU B 86 2.17 7.67 9.40
CA LEU B 86 3.15 6.58 9.29
C LEU B 86 4.51 7.19 8.98
N ASP B 87 5.45 7.06 9.91
CA ASP B 87 6.75 7.71 9.76
C ASP B 87 7.93 6.76 9.70
N ALA B 88 7.74 5.46 9.96
CA ALA B 88 8.88 4.54 9.93
C ALA B 88 9.43 4.43 8.52
N ALA B 89 10.75 4.25 8.43
CA ALA B 89 11.46 4.18 7.17
C ALA B 89 12.19 2.85 7.04
N TRP B 90 12.19 2.29 5.81
CA TRP B 90 13.05 1.14 5.54
C TRP B 90 14.51 1.51 5.84
N ASP B 91 15.22 0.63 6.53
CA ASP B 91 16.60 0.94 6.91
C ASP B 91 17.59 0.73 5.76
N GLY B 92 17.12 0.35 4.58
CA GLY B 92 17.99 0.15 3.44
C GLY B 92 18.79 -1.13 3.47
N LEU B 93 18.60 -1.94 4.47
CA LEU B 93 19.45 -3.09 4.73
C LEU B 93 18.67 -4.34 5.03
N SER B 94 17.60 -4.25 5.79
CA SER B 94 16.96 -5.39 6.40
C SER B 94 15.81 -5.91 5.55
N GLU B 95 15.51 -7.19 5.75
CA GLU B 95 14.30 -7.78 5.18
C GLU B 95 13.07 -7.15 5.79
N VAL B 96 11.99 -7.15 5.01
CA VAL B 96 10.72 -6.55 5.37
C VAL B 96 9.64 -7.59 5.16
N GLN B 97 8.42 -7.28 5.60
CA GLN B 97 7.27 -8.12 5.31
C GLN B 97 6.15 -7.32 4.65
N LEU B 98 5.64 -7.85 3.55
CA LEU B 98 4.38 -7.37 3.01
C LEU B 98 3.26 -8.09 3.75
N LEU B 99 2.36 -7.31 4.36
CA LEU B 99 1.14 -7.88 4.94
C LEU B 99 0.09 -7.77 3.84
N ALA B 100 0.11 -8.76 2.96
CA ALA B 100 -0.75 -8.73 1.78
C ALA B 100 -2.18 -9.06 2.18
N VAL B 101 -3.13 -8.26 1.69
CA VAL B 101 -4.54 -8.51 1.94
C VAL B 101 -5.21 -8.63 0.57
N PRO B 102 -5.08 -9.75 -0.11
CA PRO B 102 -5.60 -9.86 -1.46
C PRO B 102 -7.10 -9.99 -1.46
N PRO B 103 -7.77 -9.59 -2.55
CA PRO B 103 -9.21 -9.81 -2.64
C PRO B 103 -9.59 -11.26 -2.40
N GLY B 104 -10.56 -11.46 -1.52
CA GLY B 104 -11.08 -12.79 -1.27
C GLY B 104 -10.15 -13.74 -0.57
N GLU B 105 -9.05 -13.25 -0.01
N GLU B 105 -9.05 -13.23 0.00
CA GLU B 105 -8.10 -14.08 0.70
CA GLU B 105 -8.06 -14.06 0.68
C GLU B 105 -7.70 -13.43 2.00
C GLU B 105 -7.70 -13.42 2.01
N ARG B 106 -7.38 -14.25 2.99
CA ARG B 106 -7.01 -13.74 4.29
C ARG B 106 -5.65 -13.05 4.23
N ALA B 107 -5.44 -12.13 5.17
CA ALA B 107 -4.16 -11.43 5.25
C ALA B 107 -3.03 -12.43 5.51
N LYS B 108 -1.92 -12.24 4.80
CA LYS B 108 -0.76 -13.11 4.93
C LYS B 108 0.51 -12.28 4.93
N ASN B 109 1.49 -12.70 5.72
CA ASN B 109 2.77 -12.02 5.77
C ASN B 109 3.77 -12.69 4.83
N ILE B 110 4.43 -11.90 4.00
CA ILE B 110 5.43 -12.40 3.06
C ILE B 110 6.72 -11.64 3.30
N GLN B 111 7.80 -12.36 3.64
CA GLN B 111 9.07 -11.73 3.93
C GLN B 111 9.93 -11.67 2.68
N THR B 112 10.66 -10.57 2.51
CA THR B 112 11.47 -10.37 1.32
C THR B 112 12.57 -9.37 1.63
N LEU B 113 13.66 -9.47 0.85
CA LEU B 113 14.69 -8.43 0.90
C LEU B 113 14.41 -7.46 -0.23
N PRO B 114 14.07 -6.20 0.06
CA PRO B 114 13.80 -5.26 -1.03
C PRO B 114 14.99 -5.08 -1.97
N GLY B 115 14.66 -4.85 -3.24
CA GLY B 115 15.55 -4.21 -4.17
C GLY B 115 15.40 -2.70 -4.08
N ILE B 116 15.77 -2.02 -5.17
CA ILE B 116 15.92 -0.57 -5.16
C ILE B 116 15.35 0.00 -6.45
N PHE B 117 14.52 1.04 -6.32
CA PHE B 117 14.23 1.95 -7.43
C PHE B 117 15.24 3.10 -7.31
N LYS B 118 16.12 3.23 -8.29
CA LYS B 118 17.08 4.33 -8.33
C LYS B 118 16.48 5.43 -9.20
N THR B 119 16.25 6.59 -8.60
CA THR B 119 15.68 7.72 -9.33
C THR B 119 16.64 8.91 -9.22
N LYS B 120 16.37 9.92 -10.05
CA LYS B 120 17.22 11.10 -10.03
C LYS B 120 17.18 11.81 -8.69
N ASP B 121 16.15 11.56 -7.89
CA ASP B 121 15.99 12.19 -6.59
C ASP B 121 16.32 11.27 -5.42
N GLY B 122 16.87 10.09 -5.69
CA GLY B 122 17.29 9.19 -4.64
C GLY B 122 16.75 7.79 -4.84
N ASP B 123 17.18 6.91 -3.94
CA ASP B 123 16.78 5.51 -3.98
C ASP B 123 15.54 5.29 -3.12
N ILE B 124 14.69 4.37 -3.59
CA ILE B 124 13.50 3.93 -2.85
C ILE B 124 13.54 2.41 -2.81
N GLY B 125 13.32 1.83 -1.63
CA GLY B 125 13.16 0.41 -1.56
C GLY B 125 11.99 -0.05 -2.42
N ALA B 126 12.09 -1.28 -2.91
CA ALA B 126 11.09 -1.83 -3.81
C ALA B 126 11.03 -3.33 -3.62
N VAL B 127 9.81 -3.89 -3.64
CA VAL B 127 9.58 -5.30 -3.37
C VAL B 127 9.07 -6.00 -4.62
N ALA B 128 9.68 -7.13 -4.93
CA ALA B 128 9.35 -7.91 -6.12
C ALA B 128 8.36 -9.01 -5.73
N LEU B 129 7.13 -8.58 -5.49
CA LEU B 129 6.03 -9.44 -5.08
C LEU B 129 4.81 -9.04 -5.89
N ASP B 130 4.08 -10.03 -6.39
CA ASP B 130 3.00 -9.82 -7.36
C ASP B 130 1.67 -10.28 -6.78
N TYR B 131 0.72 -9.36 -6.69
CA TYR B 131 -0.62 -9.57 -6.15
C TYR B 131 -1.62 -8.82 -7.00
N PRO B 132 -2.90 -9.21 -6.94
CA PRO B 132 -3.92 -8.53 -7.73
C PRO B 132 -4.02 -7.06 -7.42
N ALA B 133 -4.58 -6.31 -8.37
CA ALA B 133 -4.69 -4.86 -8.24
C ALA B 133 -5.34 -4.44 -6.92
N GLY B 134 -6.36 -5.17 -6.47
CA GLY B 134 -7.06 -4.79 -5.25
C GLY B 134 -6.29 -5.02 -3.97
N THR B 135 -5.05 -5.52 -4.06
CA THR B 135 -4.13 -5.62 -2.93
C THR B 135 -3.42 -4.29 -2.69
N SER B 136 -3.59 -3.32 -3.59
CA SER B 136 -2.97 -2.01 -3.45
C SER B 136 -3.31 -1.41 -2.10
N GLY B 137 -2.29 -0.82 -1.44
CA GLY B 137 -2.45 -0.25 -0.12
C GLY B 137 -2.06 -1.17 1.02
N SER B 138 -1.76 -2.42 0.73
CA SER B 138 -1.33 -3.33 1.78
C SER B 138 -0.05 -2.83 2.42
N PRO B 139 0.09 -2.93 3.74
CA PRO B 139 1.25 -2.35 4.40
C PRO B 139 2.47 -3.24 4.33
N ILE B 140 3.63 -2.59 4.27
CA ILE B 140 4.93 -3.23 4.32
C ILE B 140 5.52 -2.86 5.67
N LEU B 141 6.07 -3.85 6.37
CA LEU B 141 6.43 -3.74 7.78
C LEU B 141 7.92 -3.99 8.02
N ASP B 142 8.46 -3.31 9.03
CA ASP B 142 9.76 -3.65 9.56
C ASP B 142 9.61 -4.70 10.67
N LYS B 143 10.75 -5.16 11.20
CA LYS B 143 10.74 -6.25 12.18
C LYS B 143 10.05 -5.85 13.49
N CYS B 144 9.85 -4.56 13.73
CA CYS B 144 9.10 -4.10 14.88
C CYS B 144 7.60 -3.99 14.60
N GLY B 145 7.16 -4.34 13.40
CA GLY B 145 5.77 -4.23 13.05
C GLY B 145 5.33 -2.85 12.63
N ARG B 146 6.26 -1.90 12.52
CA ARG B 146 5.90 -0.56 12.06
C ARG B 146 5.72 -0.58 10.55
N VAL B 147 4.78 0.23 10.09
CA VAL B 147 4.52 0.33 8.66
C VAL B 147 5.52 1.28 8.01
N ILE B 148 6.39 0.73 7.16
CA ILE B 148 7.41 1.51 6.48
C ILE B 148 6.96 1.96 5.09
N GLY B 149 5.78 1.57 4.66
CA GLY B 149 5.22 2.03 3.41
C GLY B 149 4.07 1.16 2.97
N LEU B 150 3.47 1.55 1.85
CA LEU B 150 2.34 0.85 1.27
C LEU B 150 2.72 0.27 -0.09
N TYR B 151 2.17 -0.92 -0.36
CA TYR B 151 2.40 -1.65 -1.60
C TYR B 151 1.44 -1.25 -2.69
N GLY B 152 1.96 -1.12 -3.91
CA GLY B 152 1.07 -1.04 -5.05
C GLY B 152 1.31 0.01 -6.09
N ASN B 153 2.36 0.81 -5.98
CA ASN B 153 2.74 1.71 -7.06
C ASN B 153 4.11 1.28 -7.57
N GLY B 154 4.17 0.81 -8.79
CA GLY B 154 5.38 0.15 -9.27
C GLY B 154 5.53 0.10 -10.77
N VAL B 155 6.28 -0.91 -11.21
CA VAL B 155 6.59 -1.12 -12.62
C VAL B 155 6.46 -2.59 -12.94
N VAL B 156 6.26 -2.88 -14.22
CA VAL B 156 6.29 -4.24 -14.75
C VAL B 156 7.59 -4.40 -15.53
N ILE B 157 8.37 -5.40 -15.16
CA ILE B 157 9.66 -5.63 -15.81
C ILE B 157 9.50 -6.56 -17.00
N LYS B 158 10.60 -6.87 -17.67
CA LYS B 158 10.55 -7.42 -19.03
C LYS B 158 9.76 -8.72 -19.08
N ASN B 159 9.90 -9.58 -18.07
CA ASN B 159 9.25 -10.89 -18.08
C ASN B 159 7.79 -10.83 -17.62
N GLY B 160 7.27 -9.64 -17.34
CA GLY B 160 5.89 -9.51 -16.93
C GLY B 160 5.68 -9.51 -15.43
N SER B 161 6.71 -9.76 -14.64
CA SER B 161 6.55 -9.71 -13.20
C SER B 161 6.59 -8.25 -12.73
N TYR B 162 6.36 -8.06 -11.44
CA TYR B 162 6.07 -6.76 -10.88
C TYR B 162 7.06 -6.40 -9.78
N VAL B 163 7.35 -5.11 -9.67
CA VAL B 163 8.13 -4.57 -8.55
C VAL B 163 7.39 -3.32 -8.04
N SER B 164 7.08 -3.30 -6.75
CA SER B 164 6.39 -2.19 -6.12
C SER B 164 7.36 -1.34 -5.33
N ALA B 165 7.27 -0.02 -5.47
CA ALA B 165 7.98 0.83 -4.51
C ALA B 165 7.43 0.55 -3.11
N ILE B 166 8.27 0.76 -2.11
CA ILE B 166 7.81 0.90 -0.73
C ILE B 166 7.45 2.37 -0.59
N THR B 167 6.15 2.71 -0.76
CA THR B 167 5.75 4.11 -0.80
C THR B 167 5.41 4.59 0.60
N GLN B 168 6.15 5.59 1.08
CA GLN B 168 5.92 6.14 2.40
C GLN B 168 5.71 7.65 2.29
N GLY B 169 4.82 8.19 3.12
CA GLY B 169 4.60 9.61 3.19
C GLY B 169 5.58 10.29 4.11
N LYS B 170 5.34 11.57 4.34
CA LYS B 170 6.10 12.32 5.33
C LYS B 170 5.15 12.63 6.48
N ARG B 171 5.57 12.29 7.70
CA ARG B 171 4.82 12.65 8.89
C ARG B 171 5.31 14.03 9.33
N GLU B 172 4.46 15.04 9.16
CA GLU B 172 4.87 16.43 9.31
C GLU B 172 5.14 16.79 10.77
N1 V7T C 1 1.49 -6.66 -13.88
N2 V7T C 1 2.63 -8.46 -12.97
CA V7T C 1 0.23 -6.31 -11.24
CD V7T C 1 -0.42 -4.43 -7.82
CE V7T C 1 -1.24 -3.24 -7.37
NZ V7T C 1 -0.90 -2.03 -8.11
CG V7T C 1 -0.62 -4.80 -9.29
CB V7T C 1 0.32 -5.91 -9.76
C2 V7T C 1 1.76 -7.38 -12.80
N V7T C 1 1.34 -7.21 -11.54
C V7T C 1 -1.13 -6.93 -11.55
O V7T C 1 -2.11 -6.22 -11.70
N DLE C 2 -1.18 -8.27 -11.65
CA DLE C 2 -2.46 -8.92 -11.91
CB DLE C 2 -2.32 -10.45 -11.95
CG DLE C 2 -2.39 -11.15 -10.60
CD1 DLE C 2 -1.15 -10.87 -9.80
CD2 DLE C 2 -2.62 -12.64 -10.75
C DLE C 2 -3.05 -8.44 -13.24
O DLE C 2 -4.25 -8.21 -13.36
O V8N C 3 0.88 -3.79 -13.30
C V8N C 3 0.26 -2.86 -13.81
C20 V8N C 3 -0.82 -3.09 -14.85
C21 V8N C 3 -0.73 -4.42 -15.57
C22 V8N C 3 -1.59 -5.45 -15.23
C23 V8N C 3 -1.57 -6.66 -15.92
C24 V8N C 3 -2.55 -7.75 -15.54
C31 V8N C 3 -0.66 -6.83 -16.95
C32 V8N C 3 0.23 -5.82 -17.27
C33 V8N C 3 0.18 -4.61 -16.58
N V8N C 3 -2.18 -8.30 -14.24
N LYS C 4 0.49 -1.59 -13.51
CA LYS C 4 1.51 -1.16 -12.56
C LYS C 4 0.95 -0.77 -11.20
N LYS C 5 -0.37 -0.79 -11.07
CA LYS C 5 -1.06 -0.35 -9.85
C LYS C 5 -1.61 -1.60 -9.15
#